data_9ARO
#
_entry.id   9ARO
#
_cell.length_a   44.740
_cell.length_b   62.600
_cell.length_c   75.658
_cell.angle_alpha   90.11
_cell.angle_beta   107.32
_cell.angle_gamma   90.00
#
_symmetry.space_group_name_H-M   'P 1'
#
loop_
_entity.id
_entity.type
_entity.pdbx_description
1 polymer 'Protein AF-9'
2 polymer 'Acetylated Peptide from Histone acetyltransferase KAT6A'
3 non-polymer 'FORMIC ACID'
4 non-polymer DI(HYDROXYETHYL)ETHER
5 water water
#
loop_
_entity_poly.entity_id
_entity_poly.type
_entity_poly.pdbx_seq_one_letter_code
_entity_poly.pdbx_strand_id
1 'polypeptide(L)'
;MASSCAVQVKLELGHRAQVRKKPTVEGFTHDWMVFVRGPEHSNIQHFVEKVVFHLHESFPRPKRVCKDPPYKVEESGYAG
FILPIEVYFKNKEEPRKVRFDYDLFLHLEGHPPVNHLRCEKLTFNNPTEDFRRKLLKA
;
A,B,C,D
2 'polypeptide(L)' LT(ALY)P E,F,G,H
#
# COMPACT_ATOMS: atom_id res chain seq x y z
N MET A 1 -10.68 -4.29 -9.55
CA MET A 1 -9.85 -5.14 -8.66
C MET A 1 -10.73 -5.58 -7.48
N ALA A 2 -11.24 -6.81 -7.56
CA ALA A 2 -11.89 -7.45 -6.42
C ALA A 2 -10.99 -8.54 -5.86
N SER A 3 -10.52 -9.38 -6.78
CA SER A 3 -9.54 -10.44 -6.59
C SER A 3 -8.39 -10.07 -5.64
N SER A 4 -8.29 -10.79 -4.53
CA SER A 4 -7.19 -10.59 -3.61
C SER A 4 -6.32 -11.85 -3.61
N CYS A 5 -5.03 -11.66 -3.35
CA CYS A 5 -4.10 -12.78 -3.34
C CYS A 5 -3.31 -12.81 -2.03
N ALA A 6 -3.13 -14.00 -1.44
CA ALA A 6 -2.19 -14.20 -0.34
C ALA A 6 -1.16 -15.26 -0.72
N VAL A 7 0.13 -14.88 -0.75
CA VAL A 7 1.15 -15.89 -0.97
C VAL A 7 1.94 -16.18 0.31
N GLN A 8 2.08 -17.49 0.55
CA GLN A 8 2.92 -18.04 1.61
C GLN A 8 4.17 -18.65 0.97
N VAL A 9 5.35 -18.41 1.57
CA VAL A 9 6.53 -19.24 1.33
C VAL A 9 7.10 -19.77 2.65
N LYS A 10 7.73 -20.92 2.55
CA LYS A 10 8.41 -21.53 3.67
C LYS A 10 9.89 -21.18 3.50
N LEU A 11 10.48 -20.63 4.56
CA LEU A 11 11.92 -20.64 4.76
C LEU A 11 12.29 -21.70 5.78
N GLU A 12 13.55 -22.09 5.69
CA GLU A 12 14.19 -22.81 6.76
C GLU A 12 15.42 -22.04 7.21
N LEU A 13 15.53 -21.94 8.53
CA LEU A 13 16.70 -21.46 9.22
C LEU A 13 17.26 -22.65 9.98
N GLY A 14 18.58 -22.78 10.00
CA GLY A 14 19.17 -23.90 10.74
C GLY A 14 20.66 -23.74 10.98
N HIS A 15 21.24 -24.69 11.74
CA HIS A 15 22.67 -24.65 12.01
C HIS A 15 23.20 -25.96 12.54
N ARG A 16 24.48 -26.14 12.31
CA ARG A 16 25.23 -27.28 12.81
C ARG A 16 26.33 -26.71 13.69
N ALA A 17 26.58 -27.37 14.80
CA ALA A 17 27.78 -27.04 15.58
C ALA A 17 28.30 -28.33 16.21
N GLN A 18 29.62 -28.41 16.27
CA GLN A 18 30.29 -29.58 16.81
C GLN A 18 31.61 -29.17 17.45
N VAL A 19 32.03 -29.95 18.43
CA VAL A 19 33.23 -29.66 19.19
C VAL A 19 34.47 -29.98 18.36
N ARG A 20 35.35 -29.01 18.19
CA ARG A 20 36.67 -29.31 17.64
C ARG A 20 37.38 -30.28 18.57
N LYS A 21 38.32 -31.07 18.03
CA LYS A 21 39.22 -31.90 18.82
C LYS A 21 40.17 -30.94 19.54
N LYS A 22 40.88 -30.14 18.75
CA LYS A 22 41.85 -29.21 19.28
C LYS A 22 41.29 -27.79 19.19
N PRO A 23 41.12 -27.08 20.33
CA PRO A 23 40.70 -25.70 20.23
C PRO A 23 41.65 -24.89 19.35
N THR A 24 41.16 -23.78 18.81
CA THR A 24 42.02 -22.90 17.98
C THR A 24 42.96 -22.08 18.84
N VAL A 25 43.60 -21.10 18.22
CA VAL A 25 44.56 -20.23 18.97
C VAL A 25 43.77 -19.22 19.79
N GLU A 26 42.59 -18.85 19.33
CA GLU A 26 41.76 -17.85 20.05
C GLU A 26 40.96 -18.60 21.11
N GLY A 27 41.21 -19.90 21.25
CA GLY A 27 40.40 -20.67 22.16
C GLY A 27 38.97 -20.86 21.64
N PHE A 28 38.85 -20.90 20.30
CA PHE A 28 37.62 -21.40 19.71
C PHE A 28 37.57 -22.91 19.91
N THR A 29 36.49 -23.38 20.53
CA THR A 29 36.23 -24.77 20.91
C THR A 29 35.25 -25.47 19.96
N HIS A 30 34.45 -24.72 19.16
CA HIS A 30 33.41 -25.31 18.31
C HIS A 30 33.46 -24.75 16.90
N ASP A 31 33.11 -25.65 15.95
CA ASP A 31 32.93 -25.22 14.58
C ASP A 31 31.44 -25.19 14.30
N TRP A 32 30.91 -24.14 13.65
CA TRP A 32 29.50 -24.12 13.30
C TRP A 32 29.21 -23.45 11.96
N MET A 33 27.99 -23.77 11.51
CA MET A 33 27.49 -23.47 10.18
C MET A 33 26.01 -23.09 10.37
N VAL A 34 25.70 -21.86 10.02
CA VAL A 34 24.32 -21.40 10.04
C VAL A 34 23.89 -21.12 8.59
N PHE A 35 22.59 -21.30 8.29
CA PHE A 35 22.15 -21.09 6.90
C PHE A 35 20.67 -20.81 6.82
N VAL A 36 20.28 -20.32 5.65
CA VAL A 36 18.89 -20.11 5.28
C VAL A 36 18.63 -20.71 3.91
N ARG A 37 17.48 -21.37 3.77
CA ARG A 37 17.13 -21.97 2.49
C ARG A 37 15.63 -22.15 2.44
N GLY A 38 15.14 -22.51 1.26
CA GLY A 38 13.79 -23.05 1.13
C GLY A 38 13.78 -24.56 1.35
N PRO A 39 12.73 -25.20 1.52
CA PRO A 39 12.63 -26.66 1.66
C PRO A 39 12.73 -27.42 0.32
N GLU A 40 12.89 -28.74 0.42
CA GLU A 40 12.96 -29.60 -0.78
C GLU A 40 13.65 -28.81 -1.90
N HIS A 41 14.75 -28.18 -1.55
CA HIS A 41 15.54 -27.42 -2.56
C HIS A 41 14.59 -26.57 -3.40
N SER A 42 13.94 -25.59 -2.77
CA SER A 42 13.11 -24.66 -3.57
C SER A 42 13.99 -23.46 -3.92
N ASN A 43 13.88 -22.93 -5.13
CA ASN A 43 14.69 -21.74 -5.51
C ASN A 43 14.18 -20.49 -4.80
N ILE A 44 14.71 -20.19 -3.62
CA ILE A 44 14.30 -18.97 -2.87
C ILE A 44 15.00 -17.76 -3.47
N GLN A 45 16.02 -17.99 -4.27
CA GLN A 45 16.72 -16.90 -4.97
C GLN A 45 15.73 -16.10 -5.83
N HIS A 46 14.72 -16.75 -6.40
CA HIS A 46 13.76 -16.01 -7.21
C HIS A 46 13.24 -14.75 -6.50
N PHE A 47 12.99 -14.80 -5.17
CA PHE A 47 12.41 -13.67 -4.45
C PHE A 47 13.30 -13.14 -3.32
N VAL A 48 14.42 -13.82 -3.02
CA VAL A 48 15.40 -13.29 -2.09
C VAL A 48 16.49 -12.54 -2.84
N GLU A 49 16.70 -11.28 -2.47
CA GLU A 49 17.85 -10.50 -2.89
C GLU A 49 19.10 -10.95 -2.16
N LYS A 50 18.98 -10.98 -0.81
CA LYS A 50 20.14 -11.18 0.05
C LYS A 50 19.72 -11.52 1.47
N VAL A 51 20.65 -12.14 2.18
CA VAL A 51 20.51 -12.55 3.55
C VAL A 51 21.72 -11.96 4.27
N VAL A 52 21.46 -11.36 5.42
CA VAL A 52 22.52 -10.87 6.26
C VAL A 52 22.43 -11.58 7.58
N PHE A 53 23.55 -12.21 7.96
CA PHE A 53 23.71 -12.84 9.25
C PHE A 53 24.50 -11.87 10.11
N HIS A 54 23.88 -11.43 11.22
CA HIS A 54 24.53 -10.53 12.15
C HIS A 54 25.19 -11.36 13.25
N LEU A 55 26.51 -11.58 13.14
CA LEU A 55 27.23 -12.23 14.22
C LEU A 55 27.41 -11.25 15.39
N HIS A 56 27.52 -11.83 16.56
CA HIS A 56 27.98 -11.11 17.74
C HIS A 56 29.22 -10.27 17.46
N GLU A 57 29.18 -9.09 18.09
CA GLU A 57 30.26 -8.13 18.14
C GLU A 57 31.62 -8.78 18.41
N SER A 58 31.69 -9.87 19.21
CA SER A 58 32.96 -10.56 19.42
C SER A 58 33.58 -11.00 18.09
N PHE A 59 32.79 -11.13 17.05
CA PHE A 59 33.35 -11.60 15.75
C PHE A 59 33.87 -10.42 14.96
N PRO A 60 35.03 -10.57 14.30
CA PRO A 60 35.52 -9.54 13.42
C PRO A 60 34.59 -9.52 12.20
N ARG A 61 34.41 -8.36 11.58
CA ARG A 61 33.50 -8.24 10.41
C ARG A 61 32.21 -8.99 10.73
N PRO A 62 31.40 -8.53 11.70
CA PRO A 62 30.25 -9.34 12.13
C PRO A 62 29.08 -9.46 11.12
N LYS A 63 28.84 -8.47 10.25
CA LYS A 63 27.67 -8.45 9.39
C LYS A 63 27.90 -9.18 8.05
N ARG A 64 27.50 -10.46 7.96
CA ARG A 64 27.90 -11.30 6.83
C ARG A 64 26.74 -11.42 5.82
N VAL A 65 27.00 -11.00 4.55
CA VAL A 65 25.99 -10.97 3.51
C VAL A 65 26.24 -12.06 2.43
N CYS A 66 25.18 -12.84 2.17
CA CYS A 66 25.08 -13.70 1.01
C CYS A 66 24.00 -13.18 0.07
N LYS A 67 24.42 -12.73 -1.12
CA LYS A 67 23.50 -12.38 -2.20
C LYS A 67 23.03 -13.61 -2.97
N ASP A 68 23.78 -14.71 -2.90
CA ASP A 68 23.50 -15.88 -3.73
C ASP A 68 23.51 -17.18 -2.93
N PRO A 69 22.62 -18.14 -3.24
CA PRO A 69 22.69 -19.43 -2.56
C PRO A 69 24.05 -20.09 -2.83
N PRO A 70 24.68 -20.74 -1.83
CA PRO A 70 24.02 -21.03 -0.57
C PRO A 70 24.07 -19.86 0.44
N TYR A 71 22.96 -19.59 1.12
CA TYR A 71 22.92 -18.53 2.16
C TYR A 71 23.33 -19.18 3.46
N LYS A 72 24.59 -18.97 3.85
CA LYS A 72 25.17 -19.67 4.97
C LYS A 72 26.46 -18.99 5.40
N VAL A 73 26.86 -19.31 6.62
CA VAL A 73 28.14 -18.87 7.16
C VAL A 73 28.71 -20.00 8.01
N GLU A 74 30.01 -20.23 7.80
CA GLU A 74 30.71 -21.30 8.50
C GLU A 74 31.77 -20.64 9.34
N GLU A 75 31.82 -20.98 10.61
CA GLU A 75 32.68 -20.23 11.50
C GLU A 75 33.05 -21.15 12.63
N SER A 76 34.03 -20.66 13.41
CA SER A 76 34.46 -21.24 14.67
C SER A 76 34.25 -20.23 15.80
N GLY A 77 33.75 -20.68 16.93
CA GLY A 77 33.93 -19.93 18.14
C GLY A 77 33.80 -20.76 19.39
N TYR A 78 33.37 -20.07 20.49
CA TYR A 78 33.45 -20.62 21.84
C TYR A 78 32.11 -20.65 22.57
N ALA A 79 31.09 -20.06 21.97
CA ALA A 79 29.75 -20.04 22.56
C ALA A 79 28.71 -19.57 21.55
N GLY A 80 27.48 -19.94 21.85
CA GLY A 80 26.33 -19.60 21.06
C GLY A 80 25.94 -18.18 21.38
N PHE A 81 25.01 -17.66 20.56
CA PHE A 81 24.45 -16.34 20.76
C PHE A 81 23.22 -16.21 19.87
N ILE A 82 22.42 -15.21 20.21
CA ILE A 82 21.33 -14.77 19.41
C ILE A 82 21.93 -14.13 18.17
N LEU A 83 21.44 -14.54 16.99
CA LEU A 83 22.07 -14.28 15.70
C LEU A 83 21.00 -13.73 14.75
N PRO A 84 20.80 -12.40 14.74
CA PRO A 84 19.80 -11.84 13.88
C PRO A 84 20.12 -12.12 12.44
N ILE A 85 19.07 -12.57 11.77
CA ILE A 85 19.08 -12.88 10.37
C ILE A 85 18.06 -11.99 9.65
N GLU A 86 18.60 -11.21 8.72
CA GLU A 86 17.80 -10.34 7.89
C GLU A 86 17.69 -10.97 6.52
N VAL A 87 16.45 -11.29 6.11
CA VAL A 87 16.21 -11.70 4.73
C VAL A 87 15.51 -10.57 3.96
N TYR A 88 16.15 -10.24 2.84
CA TYR A 88 15.80 -9.14 1.95
C TYR A 88 15.18 -9.67 0.65
N PHE A 89 13.96 -9.21 0.33
CA PHE A 89 13.23 -9.71 -0.82
C PHE A 89 13.43 -8.82 -2.05
N LYS A 90 13.19 -9.40 -3.22
CA LYS A 90 13.30 -8.62 -4.44
C LYS A 90 11.96 -7.92 -4.70
N ASN A 91 11.68 -6.91 -3.88
CA ASN A 91 10.34 -6.36 -3.70
C ASN A 91 10.40 -4.81 -3.70
N LYS A 92 9.55 -4.11 -4.45
CA LYS A 92 9.64 -2.66 -4.54
C LYS A 92 9.00 -1.97 -3.33
N GLU A 93 8.39 -2.75 -2.44
CA GLU A 93 7.54 -2.18 -1.40
C GLU A 93 7.55 -3.05 -0.15
N GLU A 94 6.56 -2.88 0.72
CA GLU A 94 6.62 -3.60 2.00
C GLU A 94 6.02 -4.98 1.82
N PRO A 95 6.60 -6.04 2.38
CA PRO A 95 7.83 -5.93 3.17
C PRO A 95 9.10 -5.99 2.31
N ARG A 96 10.08 -5.15 2.62
CA ARG A 96 11.36 -5.15 1.87
C ARG A 96 12.27 -6.21 2.50
N LYS A 97 11.96 -6.61 3.73
CA LYS A 97 12.78 -7.59 4.38
C LYS A 97 12.06 -8.13 5.60
N VAL A 98 12.79 -8.91 6.39
CA VAL A 98 12.23 -9.60 7.52
C VAL A 98 13.40 -10.01 8.40
N ARG A 99 13.15 -9.93 9.70
CA ARG A 99 14.20 -10.23 10.69
C ARG A 99 13.78 -11.37 11.60
N PHE A 100 14.69 -12.29 11.82
CA PHE A 100 14.49 -13.38 12.76
C PHE A 100 15.65 -13.31 13.75
N ASP A 101 15.37 -13.64 15.00
CA ASP A 101 16.43 -13.75 16.01
C ASP A 101 16.75 -15.23 16.18
N TYR A 102 17.84 -15.68 15.52
CA TYR A 102 18.13 -17.11 15.42
C TYR A 102 19.00 -17.59 16.60
N ASP A 103 18.47 -18.51 17.42
CA ASP A 103 19.19 -19.08 18.56
C ASP A 103 20.28 -20.04 18.07
N LEU A 104 21.48 -19.48 17.90
CA LEU A 104 22.68 -20.21 17.53
C LEU A 104 23.32 -20.80 18.80
N PHE A 105 22.91 -22.00 19.20
CA PHE A 105 23.40 -22.59 20.43
C PHE A 105 24.36 -23.72 20.09
N LEU A 106 25.33 -23.94 20.99
CA LEU A 106 26.22 -25.08 20.94
C LEU A 106 25.80 -26.11 21.98
N HIS A 107 26.42 -27.28 21.92
CA HIS A 107 26.31 -28.24 23.02
C HIS A 107 27.67 -28.30 23.74
N LEU A 108 27.66 -28.62 25.02
CA LEU A 108 28.90 -28.86 25.74
C LEU A 108 29.62 -30.08 25.16
N GLU A 109 30.87 -30.25 25.57
CA GLU A 109 31.67 -31.43 25.26
C GLU A 109 31.02 -32.63 25.99
N GLY A 110 31.10 -33.82 25.38
CA GLY A 110 30.42 -34.97 25.92
C GLY A 110 28.98 -35.11 25.38
N HIS A 111 28.40 -34.00 24.85
CA HIS A 111 27.06 -34.08 24.26
C HIS A 111 27.14 -34.16 22.73
N PRO A 112 26.12 -34.75 22.04
CA PRO A 112 26.12 -34.83 20.57
C PRO A 112 26.24 -33.48 19.89
N PRO A 113 26.53 -33.45 18.58
CA PRO A 113 26.60 -32.21 17.82
C PRO A 113 25.21 -31.61 17.68
N VAL A 114 25.16 -30.31 17.51
CA VAL A 114 23.91 -29.63 17.22
C VAL A 114 23.54 -29.90 15.77
N ASN A 115 22.27 -30.14 15.49
CA ASN A 115 21.71 -30.18 14.15
C ASN A 115 20.28 -29.69 14.26
N HIS A 116 20.10 -28.38 14.02
CA HIS A 116 18.84 -27.73 14.34
C HIS A 116 18.24 -27.17 13.04
N LEU A 117 16.92 -27.27 12.97
CA LEU A 117 16.11 -26.79 11.86
C LEU A 117 14.88 -26.06 12.41
N ARG A 118 14.70 -24.83 11.92
CA ARG A 118 13.57 -23.97 12.27
C ARG A 118 12.84 -23.61 10.97
N CYS A 119 11.61 -24.11 10.83
CA CYS A 119 10.79 -23.85 9.65
C CYS A 119 10.02 -22.56 9.91
N GLU A 120 9.87 -21.74 8.89
CA GLU A 120 9.27 -20.42 9.03
C GLU A 120 8.36 -20.16 7.83
N LYS A 121 7.12 -19.71 8.08
CA LYS A 121 6.18 -19.41 7.03
C LYS A 121 6.10 -17.91 6.91
N LEU A 122 6.23 -17.42 5.70
CA LEU A 122 5.98 -16.02 5.44
C LEU A 122 4.68 -15.87 4.65
N THR A 123 3.90 -14.86 5.01
CA THR A 123 2.67 -14.54 4.29
C THR A 123 2.80 -13.16 3.70
N PHE A 124 2.43 -13.04 2.42
CA PHE A 124 2.34 -11.77 1.72
C PHE A 124 0.93 -11.50 1.22
N ASN A 125 0.40 -10.31 1.51
CA ASN A 125 -0.96 -9.99 1.14
C ASN A 125 -0.88 -8.96 0.02
N ASN A 126 -1.37 -9.37 -1.14
CA ASN A 126 -1.54 -8.52 -2.30
C ASN A 126 -0.20 -7.89 -2.67
N PRO A 127 0.86 -8.70 -2.96
CA PRO A 127 2.13 -8.19 -3.45
C PRO A 127 1.84 -7.61 -4.80
N THR A 128 2.78 -6.87 -5.39
CA THR A 128 2.68 -6.43 -6.77
C THR A 128 2.66 -7.66 -7.67
N GLU A 129 2.32 -7.47 -8.95
CA GLU A 129 2.39 -8.58 -9.89
C GLU A 129 3.82 -9.11 -9.98
N ASP A 130 4.80 -8.23 -10.22
CA ASP A 130 6.19 -8.63 -10.31
C ASP A 130 6.62 -9.56 -9.17
N PHE A 131 6.35 -9.20 -7.91
CA PHE A 131 6.86 -9.95 -6.77
C PHE A 131 6.08 -11.26 -6.62
N ARG A 132 4.77 -11.18 -6.87
CA ARG A 132 3.97 -12.38 -6.88
C ARG A 132 4.60 -13.43 -7.83
N ARG A 133 5.12 -12.99 -8.99
CA ARG A 133 5.62 -13.92 -9.99
C ARG A 133 6.89 -14.61 -9.46
N LYS A 134 7.83 -13.83 -8.92
CA LYS A 134 9.10 -14.38 -8.38
C LYS A 134 8.79 -15.31 -7.21
N LEU A 135 7.90 -14.88 -6.33
CA LEU A 135 7.46 -15.68 -5.19
C LEU A 135 7.03 -17.06 -5.63
N LEU A 136 6.34 -17.14 -6.78
CA LEU A 136 5.61 -18.34 -7.16
C LEU A 136 6.36 -19.16 -8.22
N LYS A 137 7.47 -18.62 -8.71
CA LYS A 137 8.38 -19.45 -9.52
C LYS A 137 9.19 -20.23 -8.48
N ALA A 138 9.15 -19.80 -7.21
CA ALA A 138 9.78 -20.47 -6.09
C ALA A 138 8.83 -21.49 -5.47
N MET B 1 8.04 -25.63 -4.64
CA MET B 1 7.69 -26.41 -3.42
C MET B 1 7.61 -25.52 -2.17
N ALA B 2 7.91 -24.22 -2.33
CA ALA B 2 7.83 -23.27 -1.24
C ALA B 2 6.61 -22.37 -1.38
N SER B 3 6.08 -22.19 -2.60
CA SER B 3 5.06 -21.18 -2.81
C SER B 3 3.70 -21.82 -2.94
N SER B 4 2.91 -21.67 -1.89
CA SER B 4 1.48 -21.79 -2.00
C SER B 4 0.81 -20.40 -2.14
N CYS B 5 -0.34 -20.43 -2.75
CA CYS B 5 -1.03 -19.23 -3.18
C CYS B 5 -2.52 -19.50 -2.99
N ALA B 6 -3.25 -18.51 -2.51
CA ALA B 6 -4.70 -18.55 -2.45
C ALA B 6 -5.25 -17.26 -3.04
N VAL B 7 -6.39 -17.37 -3.73
CA VAL B 7 -7.04 -16.20 -4.28
C VAL B 7 -8.53 -16.26 -3.97
N GLN B 8 -8.99 -15.20 -3.27
CA GLN B 8 -10.38 -14.83 -3.16
C GLN B 8 -10.73 -13.91 -4.32
N VAL B 9 -11.93 -14.08 -4.90
CA VAL B 9 -12.58 -13.03 -5.69
C VAL B 9 -13.97 -12.81 -5.11
N LYS B 10 -14.51 -11.63 -5.32
CA LYS B 10 -15.87 -11.40 -4.89
C LYS B 10 -16.78 -11.56 -6.10
N LEU B 11 -17.93 -12.25 -5.94
CA LEU B 11 -19.04 -12.03 -6.84
C LEU B 11 -20.17 -11.28 -6.15
N GLU B 12 -20.96 -10.57 -6.96
CA GLU B 12 -22.30 -10.19 -6.55
C GLU B 12 -23.38 -10.91 -7.36
N LEU B 13 -24.23 -11.60 -6.61
CA LEU B 13 -25.54 -12.02 -7.01
C LEU B 13 -26.55 -10.97 -6.60
N GLY B 14 -27.57 -10.74 -7.43
CA GLY B 14 -28.55 -9.67 -7.14
C GLY B 14 -29.76 -9.74 -8.04
N HIS B 15 -30.79 -8.98 -7.69
CA HIS B 15 -32.05 -8.99 -8.47
C HIS B 15 -32.90 -7.73 -8.26
N ARG B 16 -33.61 -7.35 -9.32
CA ARG B 16 -34.54 -6.20 -9.23
C ARG B 16 -35.94 -6.69 -9.63
N ALA B 17 -36.92 -6.64 -8.72
CA ALA B 17 -38.32 -7.04 -9.01
C ALA B 17 -39.24 -5.82 -8.89
N GLN B 18 -40.25 -5.71 -9.75
CA GLN B 18 -41.02 -4.50 -9.84
C GLN B 18 -42.37 -4.86 -10.42
N VAL B 19 -43.43 -4.27 -9.87
CA VAL B 19 -44.79 -4.63 -10.32
C VAL B 19 -45.10 -3.94 -11.64
N ARG B 20 -45.77 -4.63 -12.55
CA ARG B 20 -46.21 -4.00 -13.81
C ARG B 20 -47.51 -3.25 -13.51
N LYS B 21 -47.70 -2.07 -14.10
CA LYS B 21 -49.00 -1.37 -13.92
C LYS B 21 -50.06 -2.17 -14.65
N LYS B 22 -49.67 -2.85 -15.72
CA LYS B 22 -50.62 -3.68 -16.44
C LYS B 22 -50.06 -5.10 -16.49
N PRO B 23 -50.70 -6.12 -15.87
CA PRO B 23 -50.26 -7.50 -16.02
C PRO B 23 -50.19 -7.95 -17.48
N THR B 24 -49.41 -8.99 -17.79
CA THR B 24 -49.34 -9.49 -19.16
C THR B 24 -50.58 -10.32 -19.47
N VAL B 25 -50.52 -10.98 -20.63
CA VAL B 25 -51.58 -11.85 -21.11
C VAL B 25 -51.58 -13.15 -20.30
N GLU B 26 -50.41 -13.67 -19.94
CA GLU B 26 -50.36 -14.96 -19.26
C GLU B 26 -50.63 -14.76 -17.77
N GLY B 27 -50.84 -13.52 -17.31
CA GLY B 27 -51.06 -13.27 -15.89
C GLY B 27 -49.74 -13.15 -15.12
N PHE B 28 -48.69 -12.65 -15.82
CA PHE B 28 -47.49 -12.17 -15.18
C PHE B 28 -47.74 -10.73 -14.71
N THR B 29 -47.45 -10.52 -13.41
CA THR B 29 -47.77 -9.33 -12.64
C THR B 29 -46.53 -8.47 -12.40
N HIS B 30 -45.32 -9.09 -12.33
CA HIS B 30 -44.04 -8.38 -12.09
C HIS B 30 -43.03 -8.56 -13.24
N ASP B 31 -42.13 -7.57 -13.40
CA ASP B 31 -40.93 -7.67 -14.23
C ASP B 31 -39.72 -7.78 -13.33
N TRP B 32 -38.81 -8.75 -13.59
CA TRP B 32 -37.59 -8.84 -12.81
C TRP B 32 -36.35 -9.15 -13.66
N MET B 33 -35.22 -8.96 -12.98
CA MET B 33 -33.92 -9.00 -13.57
C MET B 33 -33.00 -9.55 -12.49
N VAL B 34 -32.45 -10.75 -12.75
CA VAL B 34 -31.45 -11.35 -11.89
C VAL B 34 -30.10 -11.17 -12.57
N PHE B 35 -28.98 -11.19 -11.84
CA PHE B 35 -27.68 -10.97 -12.43
C PHE B 35 -26.56 -11.45 -11.53
N VAL B 36 -25.40 -11.53 -12.17
CA VAL B 36 -24.13 -11.82 -11.54
C VAL B 36 -23.11 -10.87 -12.16
N ARG B 37 -22.29 -10.28 -11.28
CA ARG B 37 -21.25 -9.32 -11.68
C ARG B 37 -20.24 -9.31 -10.54
N GLY B 38 -19.16 -8.54 -10.73
CA GLY B 38 -18.19 -8.38 -9.64
C GLY B 38 -18.43 -7.08 -8.90
N PRO B 39 -17.90 -6.91 -7.68
CA PRO B 39 -18.04 -5.63 -6.97
C PRO B 39 -17.20 -4.52 -7.59
N GLU B 40 -17.30 -3.30 -7.06
CA GLU B 40 -16.45 -2.18 -7.53
C GLU B 40 -16.21 -2.26 -9.04
N HIS B 41 -17.23 -2.60 -9.82
CA HIS B 41 -17.08 -2.70 -11.27
C HIS B 41 -15.82 -3.48 -11.65
N SER B 42 -15.74 -4.73 -11.17
CA SER B 42 -14.75 -5.73 -11.59
C SER B 42 -15.17 -6.36 -12.90
N ASN B 43 -14.22 -6.69 -13.77
CA ASN B 43 -14.51 -7.46 -14.96
C ASN B 43 -14.30 -8.97 -14.70
N ILE B 44 -15.36 -9.63 -14.20
CA ILE B 44 -15.30 -11.04 -13.85
C ILE B 44 -15.15 -11.92 -15.10
N GLN B 45 -15.35 -11.32 -16.31
CA GLN B 45 -15.20 -12.10 -17.56
C GLN B 45 -13.82 -12.78 -17.63
N HIS B 46 -12.80 -12.17 -17.09
CA HIS B 46 -11.47 -12.77 -17.13
C HIS B 46 -11.44 -14.21 -16.61
N PHE B 47 -12.22 -14.56 -15.57
CA PHE B 47 -12.20 -15.95 -15.10
C PHE B 47 -13.53 -16.69 -15.26
N VAL B 48 -14.58 -15.96 -15.58
CA VAL B 48 -15.88 -16.57 -15.91
C VAL B 48 -15.91 -16.97 -17.39
N GLU B 49 -16.30 -18.21 -17.61
CA GLU B 49 -16.57 -18.73 -18.95
C GLU B 49 -18.02 -18.41 -19.30
N LYS B 50 -18.92 -18.68 -18.33
CA LYS B 50 -20.32 -18.57 -18.60
C LYS B 50 -21.09 -18.72 -17.29
N VAL B 51 -22.31 -18.17 -17.31
CA VAL B 51 -23.18 -18.20 -16.19
C VAL B 51 -24.40 -18.88 -16.72
N VAL B 52 -24.96 -19.78 -15.91
CA VAL B 52 -26.25 -20.33 -16.23
C VAL B 52 -27.22 -20.14 -15.07
N PHE B 53 -28.40 -19.63 -15.47
CA PHE B 53 -29.53 -19.29 -14.64
C PHE B 53 -30.61 -20.33 -14.93
N HIS B 54 -30.82 -21.22 -13.96
CA HIS B 54 -31.78 -22.29 -14.07
C HIS B 54 -33.12 -21.74 -13.62
N LEU B 55 -33.98 -21.36 -14.57
CA LEU B 55 -35.28 -20.84 -14.17
C LEU B 55 -36.21 -22.02 -13.87
N HIS B 56 -37.16 -21.72 -13.00
CA HIS B 56 -38.23 -22.65 -12.68
C HIS B 56 -38.87 -23.16 -13.95
N GLU B 57 -39.16 -24.48 -13.91
CA GLU B 57 -39.79 -25.27 -14.96
C GLU B 57 -40.95 -24.51 -15.57
N SER B 58 -41.66 -23.72 -14.76
CA SER B 58 -42.81 -22.99 -15.27
C SER B 58 -42.42 -22.06 -16.42
N PHE B 59 -41.17 -21.57 -16.51
CA PHE B 59 -40.71 -20.91 -17.74
C PHE B 59 -40.41 -21.91 -18.87
N PRO B 60 -40.62 -21.48 -20.13
CA PRO B 60 -40.17 -22.27 -21.26
C PRO B 60 -38.66 -22.03 -21.40
N ARG B 61 -37.93 -22.98 -21.99
CA ARG B 61 -36.48 -22.82 -22.21
C ARG B 61 -35.88 -22.30 -20.91
N PRO B 62 -36.02 -23.05 -19.79
CA PRO B 62 -35.64 -22.51 -18.49
C PRO B 62 -34.16 -22.26 -18.21
N LYS B 63 -33.28 -22.98 -18.88
CA LYS B 63 -31.86 -22.90 -18.57
C LYS B 63 -31.19 -21.82 -19.41
N ARG B 64 -30.92 -20.67 -18.81
CA ARG B 64 -30.51 -19.50 -19.57
C ARG B 64 -29.02 -19.25 -19.38
N VAL B 65 -28.29 -19.16 -20.52
CA VAL B 65 -26.85 -18.97 -20.48
C VAL B 65 -26.43 -17.55 -20.86
N CYS B 66 -25.48 -16.99 -20.12
CA CYS B 66 -24.66 -15.88 -20.58
C CYS B 66 -23.18 -16.21 -20.58
N LYS B 67 -22.58 -16.19 -21.77
CA LYS B 67 -21.14 -16.38 -21.98
C LYS B 67 -20.37 -15.09 -21.82
N ASP B 68 -21.06 -13.96 -22.00
CA ASP B 68 -20.46 -12.64 -22.00
C ASP B 68 -21.20 -11.66 -21.12
N PRO B 69 -20.50 -10.69 -20.50
CA PRO B 69 -21.21 -9.66 -19.77
C PRO B 69 -22.15 -8.99 -20.77
N PRO B 70 -23.38 -8.62 -20.35
CA PRO B 70 -23.83 -8.85 -18.98
C PRO B 70 -24.43 -10.24 -18.67
N TYR B 71 -24.08 -10.79 -17.51
CA TYR B 71 -24.64 -12.08 -17.05
C TYR B 71 -25.94 -11.78 -16.34
N LYS B 72 -27.05 -11.81 -17.07
CA LYS B 72 -28.32 -11.42 -16.53
C LYS B 72 -29.46 -12.02 -17.33
N VAL B 73 -30.59 -12.15 -16.68
CA VAL B 73 -31.84 -12.54 -17.27
C VAL B 73 -32.91 -11.50 -16.87
N GLU B 74 -33.65 -11.04 -17.86
CA GLU B 74 -34.76 -10.15 -17.60
C GLU B 74 -36.01 -10.93 -17.96
N GLU B 75 -36.99 -10.92 -17.07
CA GLU B 75 -38.18 -11.72 -17.34
C GLU B 75 -39.36 -11.01 -16.71
N SER B 76 -40.55 -11.49 -17.06
CA SER B 76 -41.81 -11.24 -16.37
C SER B 76 -42.34 -12.55 -15.75
N GLY B 77 -43.00 -12.41 -14.59
CA GLY B 77 -43.64 -13.52 -13.90
C GLY B 77 -44.59 -13.03 -12.80
N TYR B 78 -45.00 -13.98 -11.95
CA TYR B 78 -46.07 -13.78 -10.97
C TYR B 78 -45.70 -14.38 -9.61
N ALA B 79 -44.44 -14.83 -9.44
CA ALA B 79 -43.95 -15.39 -8.18
C ALA B 79 -42.44 -15.64 -8.24
N GLY B 80 -41.84 -15.67 -7.06
CA GLY B 80 -40.43 -15.78 -6.91
C GLY B 80 -40.12 -17.24 -6.76
N PHE B 81 -38.85 -17.57 -6.76
CA PHE B 81 -38.47 -18.94 -6.55
C PHE B 81 -36.96 -19.00 -6.34
N ILE B 82 -36.56 -20.22 -6.01
CA ILE B 82 -35.17 -20.60 -5.85
C ILE B 82 -34.71 -20.78 -7.24
N LEU B 83 -33.56 -20.13 -7.51
CA LEU B 83 -33.05 -19.88 -8.85
C LEU B 83 -31.59 -20.20 -8.77
N PRO B 84 -31.23 -21.47 -9.05
CA PRO B 84 -29.85 -21.90 -9.08
C PRO B 84 -29.08 -21.16 -10.14
N ILE B 85 -27.86 -20.81 -9.77
CA ILE B 85 -26.97 -20.05 -10.62
C ILE B 85 -25.66 -20.79 -10.57
N GLU B 86 -25.25 -21.28 -11.76
CA GLU B 86 -23.97 -21.92 -12.00
C GLU B 86 -23.01 -20.89 -12.60
N VAL B 87 -21.89 -20.67 -11.93
CA VAL B 87 -20.81 -19.93 -12.55
C VAL B 87 -19.66 -20.88 -12.87
N TYR B 88 -19.34 -20.91 -14.17
CA TYR B 88 -18.34 -21.75 -14.78
C TYR B 88 -17.07 -20.91 -15.01
N PHE B 89 -15.92 -21.44 -14.61
CA PHE B 89 -14.66 -20.72 -14.69
C PHE B 89 -13.91 -21.08 -15.96
N LYS B 90 -12.99 -20.18 -16.35
CA LYS B 90 -12.05 -20.45 -17.41
C LYS B 90 -10.88 -21.26 -16.84
N ASN B 91 -11.15 -22.52 -16.49
CA ASN B 91 -10.35 -23.31 -15.57
C ASN B 91 -10.25 -24.73 -16.10
N LYS B 92 -9.05 -25.31 -16.18
CA LYS B 92 -8.90 -26.66 -16.70
C LYS B 92 -8.82 -27.69 -15.57
N GLU B 93 -9.42 -27.39 -14.41
CA GLU B 93 -9.14 -28.16 -13.20
C GLU B 93 -10.33 -28.05 -12.26
N GLU B 94 -10.08 -28.29 -10.98
CA GLU B 94 -11.16 -28.10 -9.99
C GLU B 94 -10.80 -26.87 -9.13
N PRO B 95 -11.71 -25.87 -8.99
CA PRO B 95 -13.12 -26.00 -9.38
C PRO B 95 -13.47 -25.50 -10.80
N ARG B 96 -14.26 -26.29 -11.52
CA ARG B 96 -14.64 -25.94 -12.91
C ARG B 96 -15.84 -25.00 -12.88
N LYS B 97 -16.56 -25.07 -11.78
CA LYS B 97 -17.76 -24.23 -11.62
C LYS B 97 -18.07 -24.03 -10.14
N VAL B 98 -19.22 -23.45 -9.90
CA VAL B 98 -19.75 -23.26 -8.57
C VAL B 98 -21.25 -23.05 -8.72
N ARG B 99 -22.02 -23.56 -7.78
CA ARG B 99 -23.45 -23.42 -7.91
C ARG B 99 -23.96 -22.62 -6.71
N PHE B 100 -24.81 -21.60 -6.91
CA PHE B 100 -25.54 -20.97 -5.82
C PHE B 100 -27.05 -21.19 -5.98
N ASP B 101 -27.79 -21.22 -4.85
CA ASP B 101 -29.25 -21.24 -4.90
C ASP B 101 -29.74 -19.83 -4.56
N TYR B 102 -30.18 -19.09 -5.58
CA TYR B 102 -30.52 -17.66 -5.36
C TYR B 102 -32.00 -17.48 -5.03
N ASP B 103 -32.26 -16.67 -4.00
CA ASP B 103 -33.66 -16.33 -3.63
C ASP B 103 -34.17 -15.19 -4.51
N LEU B 104 -34.70 -15.50 -5.69
CA LEU B 104 -35.34 -14.50 -6.58
C LEU B 104 -36.73 -14.28 -5.97
N PHE B 105 -36.90 -13.26 -5.14
CA PHE B 105 -38.15 -13.04 -4.41
C PHE B 105 -38.77 -11.74 -4.89
N LEU B 106 -40.10 -11.75 -4.86
CA LEU B 106 -40.90 -10.60 -5.25
C LEU B 106 -41.51 -10.00 -4.00
N HIS B 107 -41.95 -8.74 -4.13
CA HIS B 107 -42.77 -8.07 -3.14
C HIS B 107 -44.15 -7.86 -3.77
N LEU B 108 -45.20 -8.08 -2.98
CA LEU B 108 -46.56 -7.89 -3.46
C LEU B 108 -46.79 -6.42 -3.84
N GLU B 109 -47.94 -6.15 -4.45
CA GLU B 109 -48.27 -4.75 -4.78
C GLU B 109 -48.40 -3.98 -3.47
N GLY B 110 -48.20 -2.67 -3.53
CA GLY B 110 -48.28 -1.83 -2.32
C GLY B 110 -46.93 -1.79 -1.66
N HIS B 111 -46.15 -2.87 -1.81
CA HIS B 111 -44.81 -2.93 -1.18
C HIS B 111 -43.80 -2.27 -2.13
N PRO B 112 -42.59 -1.92 -1.64
CA PRO B 112 -41.58 -1.30 -2.50
C PRO B 112 -41.05 -2.23 -3.58
N PRO B 113 -40.41 -1.65 -4.63
CA PRO B 113 -39.68 -2.43 -5.64
C PRO B 113 -38.45 -3.10 -5.02
N VAL B 114 -38.29 -4.41 -5.27
CA VAL B 114 -37.19 -5.14 -4.69
C VAL B 114 -35.89 -4.70 -5.35
N ASN B 115 -34.82 -4.75 -4.56
CA ASN B 115 -33.47 -4.51 -5.04
C ASN B 115 -32.56 -5.19 -4.03
N HIS B 116 -32.03 -6.38 -4.37
CA HIS B 116 -31.29 -7.19 -3.42
C HIS B 116 -29.85 -7.34 -3.93
N LEU B 117 -28.97 -7.64 -2.99
CA LEU B 117 -27.55 -7.78 -3.27
C LEU B 117 -27.05 -8.82 -2.29
N ARG B 118 -26.50 -9.90 -2.85
CA ARG B 118 -25.88 -10.99 -2.13
C ARG B 118 -24.38 -11.01 -2.48
N CYS B 119 -23.50 -11.08 -1.48
CA CYS B 119 -22.08 -11.14 -1.79
C CYS B 119 -21.65 -12.60 -1.69
N GLU B 120 -20.72 -12.97 -2.55
CA GLU B 120 -20.01 -14.21 -2.37
C GLU B 120 -18.54 -13.88 -2.59
N LYS B 121 -17.74 -14.29 -1.60
CA LYS B 121 -16.31 -14.39 -1.76
C LYS B 121 -16.05 -15.83 -2.17
N LEU B 122 -15.16 -16.01 -3.16
CA LEU B 122 -14.72 -17.34 -3.51
C LEU B 122 -13.22 -17.51 -3.24
N THR B 123 -12.81 -18.75 -2.95
CA THR B 123 -11.44 -19.06 -2.61
C THR B 123 -10.94 -20.11 -3.58
N PHE B 124 -9.75 -19.87 -4.15
CA PHE B 124 -9.08 -20.84 -4.99
C PHE B 124 -7.65 -21.09 -4.47
N ASN B 125 -7.42 -22.29 -3.95
CA ASN B 125 -6.12 -22.66 -3.38
C ASN B 125 -5.28 -23.26 -4.51
N ASN B 126 -4.09 -22.67 -4.76
CA ASN B 126 -3.10 -23.18 -5.69
C ASN B 126 -3.77 -23.55 -7.02
N PRO B 127 -4.34 -22.55 -7.71
CA PRO B 127 -4.76 -22.74 -9.10
C PRO B 127 -3.57 -22.96 -10.01
N THR B 128 -3.82 -23.33 -11.27
CA THR B 128 -2.77 -23.38 -12.27
C THR B 128 -2.26 -21.97 -12.49
N GLU B 129 -1.09 -21.87 -13.10
CA GLU B 129 -0.61 -20.55 -13.49
C GLU B 129 -1.72 -19.87 -14.28
N ASP B 130 -2.22 -20.54 -15.33
CA ASP B 130 -3.10 -19.95 -16.32
C ASP B 130 -4.31 -19.24 -15.67
N PHE B 131 -4.98 -19.94 -14.76
CA PHE B 131 -6.23 -19.41 -14.18
C PHE B 131 -5.95 -18.33 -13.12
N ARG B 132 -4.87 -18.47 -12.38
CA ARG B 132 -4.49 -17.43 -11.39
C ARG B 132 -4.28 -16.11 -12.13
N ARG B 133 -3.69 -16.19 -13.33
CA ARG B 133 -3.43 -14.99 -14.14
C ARG B 133 -4.79 -14.41 -14.52
N LYS B 134 -5.73 -15.27 -14.91
CA LYS B 134 -7.06 -14.85 -15.28
C LYS B 134 -7.78 -14.27 -14.07
N LEU B 135 -7.59 -14.91 -12.91
CA LEU B 135 -8.24 -14.55 -11.69
C LEU B 135 -7.78 -13.16 -11.29
N LEU B 136 -6.52 -12.82 -11.57
CA LEU B 136 -5.95 -11.61 -10.99
C LEU B 136 -5.87 -10.43 -11.96
N LYS B 137 -6.28 -10.62 -13.23
CA LYS B 137 -6.55 -9.49 -14.12
C LYS B 137 -7.92 -8.91 -13.79
N ALA B 138 -8.76 -9.70 -13.10
CA ALA B 138 -10.07 -9.25 -12.62
C ALA B 138 -9.99 -8.83 -11.14
N MET C 1 -5.09 1.63 -0.01
CA MET C 1 -4.64 2.88 0.67
C MET C 1 -4.70 4.03 -0.33
N ALA C 2 -5.15 5.20 0.12
CA ALA C 2 -5.30 6.35 -0.80
C ALA C 2 -4.51 7.53 -0.25
N SER C 3 -3.81 7.34 0.87
CA SER C 3 -3.18 8.53 1.48
C SER C 3 -1.66 8.56 1.45
N SER C 4 -1.10 9.29 0.51
CA SER C 4 0.32 9.56 0.57
C SER C 4 0.52 10.98 1.08
N CYS C 5 1.67 11.16 1.72
CA CYS C 5 1.98 12.34 2.48
C CYS C 5 3.47 12.59 2.31
N ALA C 6 3.84 13.82 1.96
CA ALA C 6 5.23 14.20 1.88
C ALA C 6 5.48 15.37 2.82
N VAL C 7 6.60 15.33 3.53
CA VAL C 7 6.96 16.47 4.34
C VAL C 7 8.38 16.94 4.01
N GLN C 8 8.47 18.25 3.86
CA GLN C 8 9.67 19.02 3.67
C GLN C 8 9.91 19.81 4.94
N VAL C 9 11.12 19.79 5.49
CA VAL C 9 11.50 20.78 6.49
C VAL C 9 12.78 21.47 6.03
N LYS C 10 12.90 22.72 6.40
CA LYS C 10 14.12 23.46 6.07
C LYS C 10 15.03 23.43 7.29
N LEU C 11 16.33 23.18 7.09
CA LEU C 11 17.34 23.52 8.07
C LEU C 11 18.21 24.64 7.54
N GLU C 12 18.84 25.37 8.47
CA GLU C 12 19.99 26.21 8.17
C GLU C 12 21.27 25.69 8.84
N LEU C 13 22.26 25.39 8.00
CA LEU C 13 23.65 25.21 8.39
C LEU C 13 24.38 26.54 8.27
N GLY C 14 25.34 26.83 9.17
CA GLY C 14 26.01 28.13 9.18
C GLY C 14 27.17 28.22 10.15
N HIS C 15 27.93 29.31 10.05
CA HIS C 15 29.06 29.58 10.95
C HIS C 15 29.52 31.04 10.90
N ARG C 16 30.04 31.49 12.03
CA ARG C 16 30.69 32.75 12.16
C ARG C 16 32.15 32.47 12.48
N ALA C 17 33.07 33.15 11.77
CA ALA C 17 34.50 33.03 12.02
C ALA C 17 35.17 34.39 11.94
N GLN C 18 36.05 34.63 12.90
CA GLN C 18 36.57 35.94 13.17
C GLN C 18 37.99 35.83 13.70
N VAL C 19 38.82 36.80 13.33
CA VAL C 19 40.20 36.80 13.75
C VAL C 19 40.30 37.23 15.22
N ARG C 20 41.15 36.55 15.99
CA ARG C 20 41.48 37.02 17.32
C ARG C 20 42.42 38.21 17.19
N LYS C 21 42.38 39.11 18.18
CA LYS C 21 43.31 40.22 18.27
C LYS C 21 44.64 39.70 18.77
N LYS C 22 44.59 38.66 19.62
CA LYS C 22 45.79 38.02 20.13
C LYS C 22 45.72 36.51 19.86
N PRO C 23 46.64 35.91 19.07
CA PRO C 23 46.65 34.45 18.92
C PRO C 23 46.75 33.73 20.26
N THR C 24 46.23 32.50 20.30
CA THR C 24 46.31 31.69 21.54
C THR C 24 47.73 31.15 21.71
N VAL C 25 47.98 30.45 22.81
CA VAL C 25 49.33 29.86 23.06
C VAL C 25 49.62 28.77 22.04
N GLU C 26 48.58 28.10 21.54
CA GLU C 26 48.74 26.99 20.58
C GLU C 26 48.89 27.56 19.18
N GLY C 27 48.75 28.87 19.05
CA GLY C 27 48.82 29.48 17.73
C GLY C 27 47.54 29.30 16.92
N PHE C 28 46.39 29.21 17.63
CA PHE C 28 45.09 29.44 17.04
C PHE C 28 44.94 30.95 16.85
N THR C 29 44.53 31.31 15.63
CA THR C 29 44.40 32.69 15.17
C THR C 29 42.93 33.15 15.04
N HIS C 30 41.99 32.20 14.84
CA HIS C 30 40.56 32.55 14.73
C HIS C 30 39.69 31.97 15.85
N ASP C 31 38.56 32.60 16.09
CA ASP C 31 37.49 32.00 16.88
C ASP C 31 36.33 31.74 15.93
N TRP C 32 35.69 30.55 15.98
CA TRP C 32 34.50 30.32 15.19
C TRP C 32 33.43 29.53 15.92
N MET C 33 32.26 29.57 15.28
CA MET C 33 31.05 28.99 15.80
C MET C 33 30.26 28.43 14.61
N VAL C 34 30.05 27.09 14.60
CA VAL C 34 29.24 26.43 13.59
C VAL C 34 27.91 26.04 14.28
N PHE C 35 26.81 25.95 13.53
CA PHE C 35 25.51 25.63 14.08
C PHE C 35 24.51 25.10 13.07
N VAL C 36 23.41 24.60 13.62
CA VAL C 36 22.32 24.02 12.88
C VAL C 36 21.05 24.45 13.58
N ARG C 37 20.11 24.93 12.81
CA ARG C 37 18.90 25.51 13.38
C ARG C 37 17.89 25.49 12.24
N GLY C 38 16.63 25.76 12.56
CA GLY C 38 15.61 25.88 11.51
C GLY C 38 15.49 27.35 11.10
N PRO C 39 14.80 27.65 9.98
CA PRO C 39 14.59 29.02 9.54
C PRO C 39 13.50 29.75 10.32
N GLU C 40 13.27 31.04 10.02
CA GLU C 40 12.18 31.81 10.66
C GLU C 40 12.01 31.36 12.12
N HIS C 41 13.12 31.15 12.83
CA HIS C 41 13.07 30.75 14.26
C HIS C 41 12.07 29.59 14.47
N SER C 42 12.26 28.48 13.76
CA SER C 42 11.48 27.28 14.05
C SER C 42 12.23 26.44 15.06
N ASN C 43 11.54 25.74 15.98
CA ASN C 43 12.24 24.94 16.97
C ASN C 43 12.38 23.50 16.47
N ILE C 44 13.56 23.17 15.91
CA ILE C 44 13.80 21.92 15.20
C ILE C 44 13.92 20.72 16.17
N GLN C 45 14.12 21.00 17.45
CA GLN C 45 14.18 19.99 18.52
C GLN C 45 13.00 19.02 18.48
N HIS C 46 11.80 19.44 18.00
CA HIS C 46 10.68 18.50 17.84
C HIS C 46 11.05 17.20 17.06
N PHE C 47 11.84 17.31 15.98
CA PHE C 47 12.16 16.15 15.15
C PHE C 47 13.64 15.81 15.15
N VAL C 48 14.47 16.71 15.69
CA VAL C 48 15.87 16.41 15.90
C VAL C 48 16.07 15.77 17.27
N GLU C 49 16.77 14.63 17.25
CA GLU C 49 17.26 13.96 18.44
C GLU C 49 18.59 14.60 18.87
N LYS C 50 19.50 14.72 17.93
CA LYS C 50 20.83 15.19 18.27
C LYS C 50 21.57 15.54 16.98
N VAL C 51 22.53 16.43 17.14
CA VAL C 51 23.38 16.83 16.05
C VAL C 51 24.77 16.44 16.47
N VAL C 52 25.52 15.86 15.52
CA VAL C 52 26.92 15.64 15.75
C VAL C 52 27.78 16.31 14.71
N PHE C 53 28.79 17.07 15.23
CA PHE C 53 29.71 17.90 14.48
C PHE C 53 31.07 17.21 14.57
N HIS C 54 31.48 16.61 13.45
CA HIS C 54 32.71 15.86 13.40
C HIS C 54 33.83 16.84 13.10
N LEU C 55 34.59 17.24 14.11
CA LEU C 55 35.68 18.18 13.84
C LEU C 55 36.89 17.43 13.28
N HIS C 56 37.75 18.20 12.66
CA HIS C 56 39.02 17.71 12.20
C HIS C 56 39.76 17.09 13.37
N GLU C 57 40.46 16.00 13.04
CA GLU C 57 41.28 15.23 13.97
C GLU C 57 42.23 16.15 14.72
N SER C 58 42.67 17.22 14.07
CA SER C 58 43.59 18.10 14.77
C SER C 58 43.00 18.53 16.12
N PHE C 59 41.65 18.63 16.23
CA PHE C 59 41.03 18.95 17.53
C PHE C 59 40.97 17.71 18.43
N PRO C 60 41.21 17.93 19.74
CA PRO C 60 40.91 16.92 20.72
C PRO C 60 39.39 16.68 20.72
N ARG C 61 39.03 15.41 21.01
CA ARG C 61 37.66 14.96 21.20
C ARG C 61 36.82 15.47 20.03
N PRO C 62 37.13 15.03 18.80
CA PRO C 62 36.59 15.71 17.63
C PRO C 62 35.07 15.64 17.45
N LYS C 63 34.44 14.52 17.81
CA LYS C 63 32.98 14.35 17.60
C LYS C 63 32.18 15.08 18.67
N ARG C 64 31.60 16.21 18.32
CA ARG C 64 30.89 17.05 19.28
C ARG C 64 29.38 16.89 19.12
N VAL C 65 28.68 16.50 20.22
CA VAL C 65 27.26 16.20 20.16
C VAL C 65 26.46 17.25 20.90
N CYS C 66 25.35 17.69 20.30
CA CYS C 66 24.32 18.50 20.93
C CYS C 66 22.97 17.79 20.80
N LYS C 67 22.42 17.31 21.93
CA LYS C 67 21.07 16.76 22.05
C LYS C 67 19.95 17.81 22.15
N ASP C 68 20.33 18.97 22.62
CA ASP C 68 19.29 19.97 22.84
C ASP C 68 19.79 21.30 22.26
N PRO C 69 18.89 22.16 21.78
CA PRO C 69 19.29 23.47 21.33
C PRO C 69 20.01 24.19 22.48
N PRO C 70 21.09 24.94 22.19
CA PRO C 70 21.53 25.13 20.80
C PRO C 70 22.44 24.04 20.20
N TYR C 71 22.32 23.82 18.89
CA TYR C 71 23.18 22.88 18.21
C TYR C 71 24.27 23.73 17.59
N LYS C 72 25.35 23.85 18.37
CA LYS C 72 26.45 24.66 17.93
C LYS C 72 27.72 24.21 18.61
N VAL C 73 28.79 24.53 17.97
CA VAL C 73 30.09 24.32 18.55
C VAL C 73 30.87 25.62 18.39
N GLU C 74 31.51 26.03 19.49
CA GLU C 74 32.33 27.23 19.52
C GLU C 74 33.79 26.81 19.74
N GLU C 75 34.66 27.21 18.84
CA GLU C 75 36.03 26.79 18.94
C GLU C 75 36.92 27.96 18.55
N SER C 76 38.21 27.80 18.86
CA SER C 76 39.36 28.50 18.31
C SER C 76 40.23 27.54 17.48
N GLY C 77 40.76 28.03 16.36
CA GLY C 77 41.70 27.31 15.54
C GLY C 77 42.45 28.22 14.58
N TYR C 78 43.12 27.58 13.60
CA TYR C 78 44.01 28.29 12.70
C TYR C 78 43.68 28.08 11.22
N ALA C 79 42.57 27.39 10.91
CA ALA C 79 42.19 27.07 9.54
C ALA C 79 40.85 26.33 9.48
N GLY C 80 40.26 26.35 8.30
CA GLY C 80 38.92 25.92 8.09
C GLY C 80 39.05 24.51 7.61
N PHE C 81 37.92 23.83 7.46
CA PHE C 81 37.97 22.48 6.99
C PHE C 81 36.55 22.01 6.66
N ILE C 82 36.51 20.85 6.02
CA ILE C 82 35.27 20.17 5.75
C ILE C 82 34.89 19.55 7.07
N LEU C 83 33.66 19.84 7.50
CA LEU C 83 33.19 19.60 8.85
C LEU C 83 31.85 18.90 8.72
N PRO C 84 31.88 17.55 8.61
CA PRO C 84 30.68 16.74 8.50
C PRO C 84 29.74 16.98 9.67
N ILE C 85 28.44 17.00 9.36
CA ILE C 85 27.43 17.30 10.34
C ILE C 85 26.36 16.23 10.14
N GLU C 86 26.17 15.40 11.19
CA GLU C 86 25.12 14.41 11.22
C GLU C 86 23.91 14.97 11.97
N VAL C 87 22.75 15.02 11.32
CA VAL C 87 21.54 15.33 12.06
C VAL C 87 20.65 14.10 12.15
N TYR C 88 20.37 13.71 13.40
CA TYR C 88 19.63 12.51 13.75
C TYR C 88 18.16 12.86 14.11
N PHE C 89 17.21 12.15 13.52
CA PHE C 89 15.80 12.42 13.69
C PHE C 89 15.16 11.57 14.79
N LYS C 90 14.09 12.08 15.39
CA LYS C 90 13.34 11.32 16.38
C LYS C 90 12.40 10.34 15.66
N ASN C 91 13.03 9.37 14.99
CA ASN C 91 12.42 8.55 13.98
C ASN C 91 12.75 7.10 14.28
N LYS C 92 11.81 6.17 14.03
CA LYS C 92 12.04 4.74 14.28
C LYS C 92 12.38 3.97 12.99
N GLU C 93 12.69 4.67 11.89
CA GLU C 93 12.95 3.98 10.64
C GLU C 93 13.75 4.89 9.73
N GLU C 94 13.74 4.67 8.42
CA GLU C 94 14.63 5.47 7.55
C GLU C 94 13.87 6.65 6.92
N PRO C 95 14.38 7.90 6.99
CA PRO C 95 15.76 8.20 7.42
C PRO C 95 15.91 8.43 8.93
N ARG C 96 16.87 7.74 9.53
CA ARG C 96 17.16 7.90 10.98
C ARG C 96 18.05 9.13 11.15
N LYS C 97 18.76 9.50 10.10
CA LYS C 97 19.70 10.63 10.17
C LYS C 97 19.99 11.18 8.78
N VAL C 98 20.86 12.17 8.72
CA VAL C 98 21.28 12.77 7.47
C VAL C 98 22.67 13.38 7.69
N ARG C 99 23.49 13.39 6.64
CA ARG C 99 24.84 13.84 6.80
C ARG C 99 25.05 15.05 5.88
N PHE C 100 25.74 16.08 6.36
CA PHE C 100 26.21 17.13 5.48
C PHE C 100 27.73 17.26 5.57
N ASP C 101 28.32 17.65 4.45
CA ASP C 101 29.75 18.04 4.49
C ASP C 101 29.75 19.57 4.49
N TYR C 102 29.95 20.18 5.66
CA TYR C 102 29.89 21.66 5.77
C TYR C 102 31.27 22.25 5.57
N ASP C 103 31.36 23.31 4.79
CA ASP C 103 32.65 24.02 4.58
C ASP C 103 32.84 25.10 5.65
N LEU C 104 33.41 24.73 6.79
CA LEU C 104 33.76 25.70 7.84
C LEU C 104 35.02 26.41 7.32
N PHE C 105 34.88 27.56 6.69
CA PHE C 105 36.02 28.26 6.06
C PHE C 105 36.26 29.56 6.80
N LEU C 106 37.53 29.98 6.78
CA LEU C 106 37.96 31.19 7.45
C LEU C 106 38.35 32.22 6.39
N HIS C 107 38.34 33.48 6.83
CA HIS C 107 38.94 34.57 6.05
C HIS C 107 40.27 34.89 6.71
N LEU C 108 41.28 35.23 5.90
CA LEU C 108 42.58 35.63 6.42
C LEU C 108 42.49 36.98 7.12
N GLU C 109 43.60 37.37 7.75
CA GLU C 109 43.81 38.72 8.26
C GLU C 109 43.57 39.73 7.14
N GLY C 110 42.88 40.85 7.46
CA GLY C 110 42.68 41.92 6.50
C GLY C 110 41.37 41.77 5.73
N HIS C 111 40.75 40.58 5.82
CA HIS C 111 39.49 40.31 5.14
C HIS C 111 38.39 40.22 6.19
N PRO C 112 37.12 40.61 5.88
CA PRO C 112 36.07 40.73 6.89
C PRO C 112 35.75 39.44 7.63
N PRO C 113 35.00 39.53 8.75
CA PRO C 113 34.53 38.36 9.48
C PRO C 113 33.50 37.59 8.65
N VAL C 114 33.63 36.25 8.65
CA VAL C 114 32.71 35.40 7.92
C VAL C 114 31.38 35.34 8.67
N ASN C 115 30.29 35.20 7.92
CA ASN C 115 28.97 35.00 8.50
C ASN C 115 28.09 34.28 7.46
N HIS C 116 28.30 32.96 7.31
CA HIS C 116 27.78 32.17 6.22
C HIS C 116 26.53 31.41 6.66
N LEU C 117 25.69 31.10 5.67
CA LEU C 117 24.38 30.49 5.87
C LEU C 117 24.14 29.66 4.62
N ARG C 118 23.99 28.35 4.82
CA ARG C 118 23.64 27.38 3.82
C ARG C 118 22.23 26.84 4.14
N CYS C 119 21.38 26.70 3.11
CA CYS C 119 20.02 26.22 3.34
C CYS C 119 19.95 24.74 2.97
N GLU C 120 19.16 24.03 3.75
CA GLU C 120 18.84 22.67 3.41
C GLU C 120 17.35 22.45 3.59
N LYS C 121 16.72 22.01 2.50
CA LYS C 121 15.37 21.47 2.53
C LYS C 121 15.52 19.97 2.65
N LEU C 122 14.69 19.35 3.48
CA LEU C 122 14.65 17.90 3.59
C LEU C 122 13.27 17.38 3.22
N THR C 123 13.23 16.18 2.64
CA THR C 123 11.98 15.60 2.18
C THR C 123 11.79 14.22 2.80
N PHE C 124 10.64 14.05 3.44
CA PHE C 124 10.27 12.74 3.98
C PHE C 124 8.95 12.27 3.34
N ASN C 125 8.98 11.12 2.65
CA ASN C 125 7.82 10.58 1.96
C ASN C 125 7.20 9.54 2.91
N ASN C 126 5.91 9.72 3.23
CA ASN C 126 5.17 8.85 4.13
C ASN C 126 6.01 8.49 5.33
N PRO C 127 6.31 9.47 6.18
CA PRO C 127 6.79 9.16 7.52
C PRO C 127 5.72 8.44 8.32
N THR C 128 6.12 7.72 9.37
CA THR C 128 5.16 7.16 10.32
C THR C 128 4.31 8.27 10.89
N GLU C 129 3.22 7.88 11.52
CA GLU C 129 2.33 8.81 12.19
C GLU C 129 3.12 9.59 13.23
N ASP C 130 3.90 8.92 14.07
CA ASP C 130 4.66 9.60 15.16
C ASP C 130 5.58 10.69 14.62
N PHE C 131 6.47 10.35 13.70
CA PHE C 131 7.48 11.34 13.23
C PHE C 131 6.78 12.48 12.51
N ARG C 132 5.76 12.16 11.73
CA ARG C 132 5.01 13.20 10.97
C ARG C 132 4.53 14.28 11.95
N ARG C 133 4.01 13.86 13.11
CA ARG C 133 3.49 14.80 14.07
C ARG C 133 4.64 15.67 14.55
N LYS C 134 5.72 15.02 14.98
CA LYS C 134 6.93 15.69 15.43
C LYS C 134 7.44 16.68 14.39
N LEU C 135 7.43 16.24 13.11
CA LEU C 135 7.87 17.06 12.01
C LEU C 135 7.04 18.33 11.92
N LEU C 136 5.73 18.20 12.13
CA LEU C 136 4.83 19.29 11.79
C LEU C 136 4.43 20.15 12.99
N LYS C 137 4.83 19.78 14.22
CA LYS C 137 4.66 20.69 15.35
C LYS C 137 5.79 21.70 15.37
N ALA C 138 6.86 21.44 14.59
CA ALA C 138 7.95 22.39 14.37
C ALA C 138 7.73 23.17 13.07
N MET D 1 5.21 28.12 10.26
CA MET D 1 6.34 27.37 10.89
C MET D 1 7.52 27.31 9.90
N ALA D 2 8.05 26.13 9.66
CA ALA D 2 9.14 25.95 8.67
C ALA D 2 9.01 24.52 8.17
N SER D 3 7.88 23.89 8.54
CA SER D 3 7.60 22.50 8.12
C SER D 3 6.41 22.54 7.17
N SER D 4 6.62 22.15 5.91
CA SER D 4 5.57 22.19 4.92
C SER D 4 5.20 20.75 4.56
N CYS D 5 3.89 20.56 4.34
CA CYS D 5 3.31 19.26 4.04
C CYS D 5 2.44 19.32 2.79
N ALA D 6 2.60 18.35 1.87
CA ALA D 6 1.68 18.11 0.75
C ALA D 6 0.97 16.77 0.91
N VAL D 7 -0.33 16.71 0.63
CA VAL D 7 -1.03 15.43 0.66
C VAL D 7 -1.76 15.14 -0.65
N GLN D 8 -1.53 13.91 -1.17
CA GLN D 8 -2.31 13.34 -2.26
C GLN D 8 -3.33 12.37 -1.69
N VAL D 9 -4.53 12.39 -2.30
CA VAL D 9 -5.44 11.25 -2.27
C VAL D 9 -5.83 10.84 -3.69
N LYS D 10 -6.02 9.54 -3.87
CA LYS D 10 -6.59 9.00 -5.07
C LYS D 10 -8.09 8.88 -4.86
N LEU D 11 -8.85 9.52 -5.75
CA LEU D 11 -10.24 9.18 -6.01
C LEU D 11 -10.37 8.31 -7.25
N GLU D 12 -11.44 7.52 -7.29
CA GLU D 12 -11.87 6.87 -8.51
C GLU D 12 -13.31 7.29 -8.85
N LEU D 13 -13.48 7.67 -10.10
CA LEU D 13 -14.78 7.91 -10.69
C LEU D 13 -14.98 6.81 -11.72
N GLY D 14 -16.22 6.32 -11.79
CA GLY D 14 -16.50 5.21 -12.71
C GLY D 14 -17.98 5.03 -12.99
N HIS D 15 -18.30 4.26 -14.03
CA HIS D 15 -19.70 3.91 -14.27
C HIS D 15 -19.86 2.62 -15.05
N ARG D 16 -21.04 2.05 -14.90
CA ARG D 16 -21.48 0.89 -15.66
C ARG D 16 -22.68 1.31 -16.50
N ALA D 17 -22.73 0.81 -17.74
CA ALA D 17 -23.97 0.96 -18.53
C ALA D 17 -24.18 -0.27 -19.40
N GLN D 18 -25.45 -0.70 -19.46
CA GLN D 18 -25.81 -1.85 -20.25
C GLN D 18 -27.20 -1.65 -20.82
N VAL D 19 -27.39 -2.21 -22.00
CA VAL D 19 -28.64 -2.15 -22.71
C VAL D 19 -29.67 -3.03 -22.03
N ARG D 20 -30.84 -2.47 -21.67
CA ARG D 20 -31.98 -3.27 -21.23
C ARG D 20 -32.50 -4.16 -22.36
N LYS D 21 -33.10 -5.29 -21.99
CA LYS D 21 -33.72 -6.21 -22.98
C LYS D 21 -35.06 -5.61 -23.38
N LYS D 22 -35.80 -5.14 -22.39
CA LYS D 22 -37.08 -4.47 -22.71
C LYS D 22 -36.94 -2.98 -22.39
N PRO D 23 -37.05 -2.08 -23.39
CA PRO D 23 -37.03 -0.68 -23.10
C PRO D 23 -38.07 -0.32 -22.05
N THR D 24 -37.83 0.75 -21.30
CA THR D 24 -38.78 1.20 -20.27
C THR D 24 -40.00 1.84 -20.93
N VAL D 25 -40.85 2.46 -20.12
CA VAL D 25 -42.07 3.14 -20.62
C VAL D 25 -41.67 4.44 -21.29
N GLU D 26 -40.62 5.07 -20.80
CA GLU D 26 -40.19 6.40 -21.31
C GLU D 26 -39.34 6.18 -22.56
N GLY D 27 -39.13 4.93 -22.95
CA GLY D 27 -38.22 4.73 -24.08
C GLY D 27 -36.78 4.70 -23.60
N PHE D 28 -36.58 4.37 -22.32
CA PHE D 28 -35.22 4.24 -21.75
C PHE D 28 -34.66 2.90 -22.23
N THR D 29 -33.45 2.93 -22.77
CA THR D 29 -32.86 1.76 -23.42
C THR D 29 -31.68 1.22 -22.60
N HIS D 30 -31.18 2.01 -21.66
CA HIS D 30 -29.97 1.56 -20.92
C HIS D 30 -30.11 1.73 -19.41
N ASP D 31 -29.44 0.86 -18.65
CA ASP D 31 -29.36 1.00 -17.21
C ASP D 31 -27.95 1.46 -16.91
N TRP D 32 -27.79 2.47 -16.04
CA TRP D 32 -26.45 2.87 -15.65
C TRP D 32 -26.31 3.21 -14.18
N MET D 33 -25.03 3.16 -13.77
CA MET D 33 -24.58 3.29 -12.41
C MET D 33 -23.26 4.06 -12.45
N VAL D 34 -23.28 5.24 -11.82
CA VAL D 34 -22.06 6.04 -11.72
C VAL D 34 -21.68 6.13 -10.25
N PHE D 35 -20.38 6.31 -9.95
CA PHE D 35 -19.95 6.37 -8.56
C PHE D 35 -18.59 7.02 -8.35
N VAL D 36 -18.32 7.26 -7.07
CA VAL D 36 -17.04 7.79 -6.62
C VAL D 36 -16.62 7.04 -5.38
N ARG D 37 -15.33 6.75 -5.31
CA ARG D 37 -14.83 5.98 -4.20
C ARG D 37 -13.33 6.23 -4.11
N GLY D 38 -12.73 5.77 -3.01
CA GLY D 38 -11.30 5.54 -2.93
C GLY D 38 -10.87 4.22 -3.58
N PRO D 39 -9.57 4.01 -3.87
CA PRO D 39 -9.08 2.70 -4.32
C PRO D 39 -9.10 1.63 -3.24
N GLU D 40 -9.11 0.36 -3.64
CA GLU D 40 -9.14 -0.75 -2.70
C GLU D 40 -10.07 -0.40 -1.54
N HIS D 41 -11.28 0.07 -1.89
CA HIS D 41 -12.29 0.50 -0.93
C HIS D 41 -11.66 1.22 0.27
N SER D 42 -10.76 2.18 0.01
CA SER D 42 -10.23 3.03 1.08
C SER D 42 -11.35 3.96 1.55
N ASN D 43 -11.33 4.30 2.84
CA ASN D 43 -12.46 4.95 3.45
C ASN D 43 -12.38 6.46 3.20
N ILE D 44 -12.95 6.92 2.07
CA ILE D 44 -12.84 8.33 1.69
C ILE D 44 -13.82 9.20 2.51
N GLN D 45 -14.69 8.52 3.23
CA GLN D 45 -15.67 9.18 4.13
C GLN D 45 -14.93 9.98 5.20
N HIS D 46 -13.69 9.60 5.53
CA HIS D 46 -12.93 10.39 6.49
C HIS D 46 -12.82 11.87 6.13
N PHE D 47 -12.65 12.23 4.83
CA PHE D 47 -12.42 13.62 4.41
C PHE D 47 -13.48 14.14 3.43
N VAL D 48 -14.34 13.23 2.96
CA VAL D 48 -15.45 13.63 2.13
C VAL D 48 -16.70 13.84 2.99
N GLU D 49 -17.28 15.01 2.87
CA GLU D 49 -18.60 15.30 3.40
C GLU D 49 -19.66 14.66 2.53
N LYS D 50 -19.60 15.00 1.24
CA LYS D 50 -20.70 14.66 0.36
C LYS D 50 -20.26 14.76 -1.10
N VAL D 51 -21.13 14.19 -1.92
CA VAL D 51 -20.85 14.09 -3.32
C VAL D 51 -22.17 14.46 -3.97
N VAL D 52 -22.07 15.33 -4.98
CA VAL D 52 -23.27 15.70 -5.70
C VAL D 52 -23.04 15.38 -7.15
N PHE D 53 -23.97 14.60 -7.72
CA PHE D 53 -23.90 14.16 -9.09
C PHE D 53 -24.96 14.98 -9.80
N HIS D 54 -24.51 15.74 -10.78
CA HIS D 54 -25.39 16.66 -11.45
C HIS D 54 -25.84 16.02 -12.76
N LEU D 55 -26.96 15.29 -12.73
CA LEU D 55 -27.52 14.66 -13.91
C LEU D 55 -28.02 15.72 -14.89
N HIS D 56 -28.06 15.32 -16.16
CA HIS D 56 -28.68 16.16 -17.17
C HIS D 56 -30.09 16.54 -16.74
N GLU D 57 -30.43 17.79 -17.06
CA GLU D 57 -31.72 18.41 -16.85
C GLU D 57 -32.86 17.56 -17.41
N SER D 58 -32.64 16.73 -18.45
CA SER D 58 -33.67 15.77 -18.86
C SER D 58 -34.15 14.90 -17.68
N PHE D 59 -33.32 14.67 -16.66
CA PHE D 59 -33.76 13.95 -15.48
C PHE D 59 -34.49 14.86 -14.50
N PRO D 60 -35.60 14.36 -13.90
CA PRO D 60 -36.24 15.04 -12.78
C PRO D 60 -35.29 14.96 -11.57
N ARG D 61 -35.37 15.96 -10.67
CA ARG D 61 -34.54 15.98 -9.47
C ARG D 61 -33.08 15.76 -9.86
N PRO D 62 -32.49 16.61 -10.71
CA PRO D 62 -31.22 16.31 -11.35
C PRO D 62 -30.02 16.17 -10.39
N LYS D 63 -30.01 16.98 -9.31
CA LYS D 63 -28.89 17.05 -8.39
C LYS D 63 -28.95 15.95 -7.32
N ARG D 64 -28.14 14.90 -7.49
CA ARG D 64 -28.22 13.75 -6.61
C ARG D 64 -27.07 13.77 -5.59
N VAL D 65 -27.44 13.72 -4.29
CA VAL D 65 -26.49 13.94 -3.20
C VAL D 65 -26.37 12.70 -2.32
N CYS D 66 -25.13 12.24 -2.11
CA CYS D 66 -24.79 11.22 -1.15
C CYS D 66 -23.85 11.84 -0.12
N LYS D 67 -24.32 11.92 1.12
CA LYS D 67 -23.49 12.29 2.27
C LYS D 67 -22.62 11.12 2.73
N ASP D 68 -23.11 9.91 2.57
CA ASP D 68 -22.37 8.76 3.13
C ASP D 68 -22.14 7.71 2.05
N PRO D 69 -21.05 6.94 2.13
CA PRO D 69 -20.80 5.87 1.19
C PRO D 69 -21.90 4.81 1.27
N PRO D 70 -22.43 4.34 0.14
CA PRO D 70 -21.77 4.53 -1.15
C PRO D 70 -22.09 5.83 -1.92
N TYR D 71 -21.09 6.40 -2.60
CA TYR D 71 -21.30 7.59 -3.41
C TYR D 71 -21.58 7.07 -4.83
N LYS D 72 -22.89 6.92 -5.14
CA LYS D 72 -23.28 6.37 -6.41
C LYS D 72 -24.72 6.73 -6.73
N VAL D 73 -25.02 6.61 -8.04
CA VAL D 73 -26.35 6.81 -8.55
C VAL D 73 -26.63 5.76 -9.61
N GLU D 74 -27.80 5.14 -9.47
CA GLU D 74 -28.28 4.13 -10.39
C GLU D 74 -29.48 4.71 -11.12
N GLU D 75 -29.42 4.74 -12.44
CA GLU D 75 -30.52 5.30 -13.21
C GLU D 75 -30.70 4.44 -14.43
N SER D 76 -31.79 4.75 -15.14
CA SER D 76 -32.04 4.32 -16.49
C SER D 76 -32.22 5.54 -17.40
N GLY D 77 -31.67 5.49 -18.61
CA GLY D 77 -32.00 6.47 -19.62
C GLY D 77 -31.69 6.00 -21.03
N TYR D 78 -31.49 6.98 -21.92
CA TYR D 78 -31.45 6.74 -23.36
C TYR D 78 -30.19 7.29 -24.00
N ALA D 79 -29.37 8.01 -23.24
CA ALA D 79 -28.12 8.57 -23.78
C ALA D 79 -27.21 9.03 -22.67
N GLY D 80 -25.93 9.09 -23.04
CA GLY D 80 -24.89 9.48 -22.15
C GLY D 80 -24.79 10.99 -22.20
N PHE D 81 -23.93 11.53 -21.34
CA PHE D 81 -23.84 12.98 -21.17
C PHE D 81 -22.69 13.27 -20.20
N ILE D 82 -22.23 14.49 -20.32
CA ILE D 82 -21.33 15.11 -19.39
C ILE D 82 -22.07 15.30 -18.09
N LEU D 83 -21.43 14.83 -16.99
CA LEU D 83 -22.06 14.60 -15.70
C LEU D 83 -21.10 15.15 -14.65
N PRO D 84 -21.25 16.44 -14.33
CA PRO D 84 -20.44 17.07 -13.33
C PRO D 84 -20.63 16.40 -11.99
N ILE D 85 -19.50 16.20 -11.35
CA ILE D 85 -19.47 15.58 -10.05
C ILE D 85 -18.72 16.52 -9.15
N GLU D 86 -19.43 17.00 -8.12
CA GLU D 86 -18.83 17.79 -7.07
C GLU D 86 -18.54 16.91 -5.89
N VAL D 87 -17.27 16.88 -5.48
CA VAL D 87 -16.85 16.31 -4.21
C VAL D 87 -16.53 17.40 -3.18
N TYR D 88 -17.24 17.31 -2.06
CA TYR D 88 -17.16 18.24 -0.94
C TYR D 88 -16.33 17.61 0.19
N PHE D 89 -15.31 18.35 0.66
CA PHE D 89 -14.44 17.85 1.70
C PHE D 89 -14.83 18.44 3.07
N LYS D 90 -14.37 17.76 4.11
CA LYS D 90 -14.68 18.16 5.46
C LYS D 90 -13.60 19.11 5.95
N ASN D 91 -13.54 20.27 5.28
CA ASN D 91 -12.42 21.20 5.25
C ASN D 91 -12.91 22.61 5.57
N LYS D 92 -12.28 23.32 6.50
CA LYS D 92 -12.82 24.61 6.89
C LYS D 92 -12.38 25.71 5.94
N GLU D 93 -11.47 25.36 5.04
CA GLU D 93 -10.93 26.37 4.11
C GLU D 93 -10.90 25.82 2.70
N GLU D 94 -10.17 26.51 1.83
CA GLU D 94 -10.08 26.09 0.42
C GLU D 94 -9.04 24.97 0.35
N PRO D 95 -9.24 23.94 -0.50
CA PRO D 95 -10.45 23.81 -1.30
C PRO D 95 -11.60 23.12 -0.53
N ARG D 96 -12.80 23.67 -0.63
CA ARG D 96 -13.95 23.10 0.11
C ARG D 96 -14.55 21.99 -0.74
N LYS D 97 -14.29 22.06 -2.05
CA LYS D 97 -14.76 21.02 -2.92
C LYS D 97 -13.94 21.02 -4.20
N VAL D 98 -14.20 20.01 -5.04
CA VAL D 98 -13.52 19.85 -6.35
C VAL D 98 -14.58 19.42 -7.35
N ARG D 99 -14.44 19.83 -8.60
CA ARG D 99 -15.40 19.42 -9.64
C ARG D 99 -14.73 18.59 -10.73
N PHE D 100 -15.41 17.57 -11.19
CA PHE D 100 -14.94 16.77 -12.33
C PHE D 100 -16.09 16.69 -13.32
N ASP D 101 -15.84 16.94 -14.59
CA ASP D 101 -16.85 16.75 -15.62
C ASP D 101 -16.73 15.30 -16.11
N TYR D 102 -17.63 14.42 -15.63
CA TYR D 102 -17.50 12.98 -15.86
C TYR D 102 -18.22 12.60 -17.15
N ASP D 103 -17.49 11.96 -18.09
CA ASP D 103 -18.08 11.46 -19.35
C ASP D 103 -18.84 10.15 -19.12
N LEU D 104 -20.14 10.32 -18.85
CA LEU D 104 -21.11 9.24 -18.74
C LEU D 104 -21.54 8.78 -20.14
N PHE D 105 -20.83 7.84 -20.75
CA PHE D 105 -21.24 7.37 -22.07
C PHE D 105 -21.82 5.96 -22.02
N LEU D 106 -22.71 5.69 -22.96
CA LEU D 106 -23.28 4.37 -23.24
C LEU D 106 -22.58 3.74 -24.44
N HIS D 107 -22.74 2.43 -24.63
CA HIS D 107 -22.49 1.80 -25.92
C HIS D 107 -23.82 1.51 -26.61
N LEU D 108 -23.78 1.36 -27.93
CA LEU D 108 -24.98 0.98 -28.67
C LEU D 108 -25.40 -0.46 -28.30
N GLU D 109 -26.56 -0.84 -28.85
CA GLU D 109 -27.01 -2.24 -28.75
C GLU D 109 -26.10 -2.98 -29.73
N GLY D 110 -25.76 -4.23 -29.45
CA GLY D 110 -24.78 -4.97 -30.25
C GLY D 110 -23.34 -4.81 -29.78
N HIS D 111 -23.06 -3.80 -28.94
CA HIS D 111 -21.73 -3.59 -28.36
C HIS D 111 -21.71 -4.01 -26.88
N PRO D 112 -20.55 -4.42 -26.32
CA PRO D 112 -20.50 -4.84 -24.92
C PRO D 112 -20.95 -3.79 -23.91
N PRO D 113 -21.23 -4.20 -22.66
CA PRO D 113 -21.47 -3.24 -21.59
C PRO D 113 -20.29 -2.30 -21.32
N VAL D 114 -20.63 -1.10 -20.88
CA VAL D 114 -19.66 -0.13 -20.40
C VAL D 114 -19.22 -0.50 -19.00
N ASN D 115 -17.90 -0.57 -18.79
CA ASN D 115 -17.32 -0.58 -17.45
C ASN D 115 -16.09 0.31 -17.53
N HIS D 116 -16.25 1.56 -17.04
CA HIS D 116 -15.22 2.57 -17.16
C HIS D 116 -14.76 2.96 -15.75
N LEU D 117 -13.45 3.21 -15.65
CA LEU D 117 -12.81 3.71 -14.46
C LEU D 117 -11.88 4.88 -14.80
N ARG D 118 -12.09 5.98 -14.06
CA ARG D 118 -11.27 7.20 -14.21
C ARG D 118 -10.62 7.44 -12.84
N CYS D 119 -9.30 7.35 -12.79
CA CYS D 119 -8.56 7.59 -11.53
C CYS D 119 -8.16 9.06 -11.44
N GLU D 120 -8.29 9.66 -10.26
CA GLU D 120 -8.02 11.10 -10.11
C GLU D 120 -7.15 11.34 -8.86
N LYS D 121 -6.15 12.21 -8.95
CA LYS D 121 -5.25 12.44 -7.86
C LYS D 121 -5.52 13.85 -7.34
N LEU D 122 -5.74 13.93 -6.06
CA LEU D 122 -5.95 15.23 -5.48
C LEU D 122 -4.74 15.62 -4.66
N THR D 123 -4.29 16.87 -4.78
CA THR D 123 -3.18 17.38 -4.01
C THR D 123 -3.67 18.51 -3.12
N PHE D 124 -3.27 18.44 -1.85
CA PHE D 124 -3.54 19.46 -0.86
C PHE D 124 -2.24 20.02 -0.29
N ASN D 125 -2.06 21.32 -0.37
CA ASN D 125 -0.82 21.94 0.05
C ASN D 125 -1.07 22.67 1.37
N ASN D 126 -0.45 22.15 2.43
CA ASN D 126 -0.48 22.72 3.78
C ASN D 126 -1.93 22.83 4.24
N PRO D 127 -2.67 21.72 4.32
CA PRO D 127 -4.02 21.76 4.88
C PRO D 127 -3.86 22.08 6.35
N THR D 128 -4.95 22.44 7.02
CA THR D 128 -4.95 22.58 8.47
C THR D 128 -4.67 21.23 9.11
N GLU D 129 -4.34 21.28 10.41
CA GLU D 129 -4.06 20.08 11.17
C GLU D 129 -5.28 19.16 11.18
N ASP D 130 -6.50 19.71 11.31
CA ASP D 130 -7.71 18.85 11.38
C ASP D 130 -8.00 18.09 10.08
N PHE D 131 -7.86 18.76 8.94
CA PHE D 131 -8.14 18.12 7.62
C PHE D 131 -7.03 17.12 7.29
N ARG D 132 -5.79 17.47 7.75
CA ARG D 132 -4.66 16.58 7.41
C ARG D 132 -4.87 15.24 8.12
N ARG D 133 -5.43 15.21 9.29
CA ARG D 133 -5.63 13.93 9.99
C ARG D 133 -6.75 13.15 9.30
N LYS D 134 -7.80 13.84 8.88
CA LYS D 134 -8.90 13.18 8.17
C LYS D 134 -8.37 12.55 6.89
N LEU D 135 -7.59 13.34 6.13
CA LEU D 135 -7.01 12.90 4.87
C LEU D 135 -6.26 11.60 5.08
N LEU D 136 -5.49 11.53 6.19
CA LEU D 136 -4.48 10.50 6.37
C LEU D 136 -5.00 9.34 7.23
N LYS D 137 -6.10 9.55 7.97
CA LYS D 137 -6.89 8.41 8.42
C LYS D 137 -7.37 7.59 7.22
N ALA D 138 -7.46 8.23 6.04
CA ALA D 138 -7.92 7.55 4.84
C ALA D 138 -6.72 6.95 4.09
N LEU E 1 -30.41 -25.72 -23.01
CA LEU E 1 -29.73 -24.39 -22.82
C LEU E 1 -30.19 -23.35 -23.83
N THR E 2 -30.47 -22.12 -23.34
CA THR E 2 -31.00 -21.03 -24.14
C THR E 2 -30.24 -19.73 -23.87
N PRO E 4 -30.40 -15.78 -23.56
CA PRO E 4 -31.35 -14.69 -23.43
C PRO E 4 -31.16 -13.79 -24.66
N LEU F 1 28.97 -4.23 5.46
CA LEU F 1 28.75 -5.68 5.23
C LEU F 1 30.03 -6.33 4.70
N THR F 2 30.09 -7.67 4.80
CA THR F 2 31.24 -8.48 4.48
C THR F 2 30.78 -9.77 3.81
N PRO F 4 31.45 -13.69 3.26
CA PRO F 4 32.18 -14.85 3.73
C PRO F 4 33.14 -15.36 2.64
N LEU G 1 -31.34 19.73 -3.84
CA LEU G 1 -30.62 18.43 -3.83
C LEU G 1 -31.61 17.30 -3.56
N THR G 2 -31.29 16.09 -4.04
CA THR G 2 -32.15 14.96 -3.80
C THR G 2 -31.27 13.81 -3.33
N PRO G 4 -30.83 9.79 -3.54
CA PRO G 4 -31.30 8.58 -4.20
C PRO G 4 -31.88 7.68 -3.11
N LEU H 1 32.76 10.43 21.40
CA LEU H 1 31.58 11.35 21.41
C LEU H 1 31.62 12.27 22.64
N THR H 2 31.62 13.61 22.41
CA THR H 2 31.84 14.61 23.45
C THR H 2 30.75 15.69 23.46
N PRO H 4 29.96 19.55 24.20
CA PRO H 4 30.69 20.81 24.29
C PRO H 4 30.68 21.44 25.70
#